data_2M0W
#
_entry.id   2M0W
#
_entity_poly.entity_id   1
_entity_poly.type   'polypeptide(L)'
_entity_poly.pdbx_seq_one_letter_code
;DFLNSAMSSLYSGWSSFTTGASK
;
_entity_poly.pdbx_strand_id   A
#
# COMPACT_ATOMS: atom_id res chain seq x y z
N ASP A 1 9.07 8.02 -5.82
CA ASP A 1 8.84 6.61 -5.38
C ASP A 1 8.71 6.53 -3.86
N PHE A 2 9.57 7.22 -3.15
CA PHE A 2 9.49 7.18 -1.65
C PHE A 2 8.04 7.40 -1.20
N LEU A 3 7.38 8.40 -1.74
CA LEU A 3 5.98 8.65 -1.33
C LEU A 3 5.15 7.38 -1.51
N ASN A 4 5.52 6.55 -2.45
CA ASN A 4 4.75 5.29 -2.67
C ASN A 4 4.83 4.40 -1.42
N SER A 5 5.95 4.41 -0.74
CA SER A 5 6.08 3.57 0.48
C SER A 5 5.18 4.12 1.58
N ALA A 6 5.32 5.39 1.91
CA ALA A 6 4.46 5.96 2.96
C ALA A 6 2.99 5.69 2.63
N MET A 7 2.69 5.48 1.38
CA MET A 7 1.29 5.20 0.98
C MET A 7 0.94 3.73 1.25
N SER A 8 1.81 2.83 0.90
CA SER A 8 1.53 1.39 1.15
C SER A 8 1.29 1.16 2.64
N SER A 9 1.98 1.89 3.48
CA SER A 9 1.78 1.72 4.95
C SER A 9 0.41 2.24 5.35
N LEU A 10 -0.22 3.00 4.50
CA LEU A 10 -1.57 3.55 4.84
C LEU A 10 -2.67 2.76 4.12
N TYR A 11 -2.51 2.54 2.84
CA TYR A 11 -3.55 1.78 2.10
C TYR A 11 -3.35 0.27 2.25
N SER A 12 -2.12 -0.17 2.24
CA SER A 12 -1.85 -1.63 2.39
C SER A 12 -1.86 -2.01 3.88
N GLY A 13 -2.34 -1.15 4.72
CA GLY A 13 -2.38 -1.47 6.17
C GLY A 13 -3.82 -1.78 6.61
N TRP A 14 -4.76 -1.02 6.13
CA TRP A 14 -6.18 -1.27 6.53
C TRP A 14 -6.80 -2.37 5.66
N SER A 15 -6.55 -2.35 4.38
CA SER A 15 -7.12 -3.39 3.50
C SER A 15 -6.29 -4.67 3.55
N SER A 16 -5.00 -4.55 3.75
CA SER A 16 -4.14 -5.77 3.79
C SER A 16 -4.40 -6.62 2.55
N PHE A 17 -4.92 -6.01 1.53
CA PHE A 17 -5.21 -6.76 0.27
C PHE A 17 -4.74 -5.97 -0.94
N THR A 18 -4.99 -4.68 -0.94
CA THR A 18 -4.55 -3.83 -2.08
C THR A 18 -3.16 -4.25 -2.56
N THR A 19 -2.36 -4.79 -1.70
CA THR A 19 -0.99 -5.22 -2.11
C THR A 19 -1.09 -6.08 -3.37
N GLY A 20 -2.11 -6.88 -3.49
CA GLY A 20 -2.27 -7.74 -4.69
C GLY A 20 -2.15 -6.87 -5.95
N ALA A 21 -2.78 -5.73 -5.95
CA ALA A 21 -2.71 -4.83 -7.15
C ALA A 21 -1.44 -3.98 -7.07
N SER A 22 -1.05 -3.57 -5.90
CA SER A 22 0.18 -2.74 -5.76
C SER A 22 1.43 -3.60 -5.96
N LYS A 23 1.31 -4.89 -5.80
CA LYS A 23 2.49 -5.77 -5.97
C LYS A 23 2.16 -6.94 -6.91
N ASP A 1 9.50 7.24 -5.49
CA ASP A 1 8.98 5.95 -4.94
C ASP A 1 8.77 6.08 -3.42
N PHE A 2 9.70 6.70 -2.74
CA PHE A 2 9.55 6.84 -1.27
C PHE A 2 8.12 7.24 -0.92
N LEU A 3 7.59 8.22 -1.60
CA LEU A 3 6.18 8.65 -1.32
C LEU A 3 5.24 7.46 -1.46
N ASN A 4 5.47 6.63 -2.44
CA ASN A 4 4.59 5.44 -2.63
C ASN A 4 4.70 4.51 -1.43
N SER A 5 5.90 4.30 -0.94
CA SER A 5 6.06 3.40 0.25
C SER A 5 5.35 4.02 1.45
N ALA A 6 5.50 5.30 1.65
CA ALA A 6 4.82 5.95 2.81
C ALA A 6 3.32 5.74 2.69
N MET A 7 2.82 5.66 1.48
CA MET A 7 1.36 5.44 1.28
C MET A 7 1.02 3.97 1.48
N SER A 8 1.86 3.10 0.96
CA SER A 8 1.60 1.64 1.11
C SER A 8 1.25 1.31 2.57
N SER A 9 1.83 2.04 3.49
CA SER A 9 1.54 1.78 4.93
C SER A 9 0.12 2.24 5.29
N LEU A 10 -0.49 3.02 4.44
CA LEU A 10 -1.87 3.50 4.74
C LEU A 10 -2.90 2.64 4.00
N TYR A 11 -2.67 2.34 2.75
CA TYR A 11 -3.64 1.51 1.99
C TYR A 11 -3.38 0.02 2.26
N SER A 12 -2.14 -0.37 2.29
CA SER A 12 -1.81 -1.81 2.54
C SER A 12 -1.89 -2.12 4.04
N GLY A 13 -2.22 -1.13 4.84
CA GLY A 13 -2.31 -1.36 6.31
C GLY A 13 -3.71 -1.89 6.66
N TRP A 14 -4.73 -1.31 6.09
CA TRP A 14 -6.11 -1.78 6.40
C TRP A 14 -6.51 -2.93 5.47
N SER A 15 -5.99 -2.96 4.28
CA SER A 15 -6.35 -4.05 3.34
C SER A 15 -5.26 -5.13 3.34
N SER A 16 -4.05 -4.77 3.68
CA SER A 16 -2.96 -5.78 3.68
C SER A 16 -2.98 -6.55 2.35
N PHE A 17 -3.54 -5.95 1.34
CA PHE A 17 -3.59 -6.63 0.01
C PHE A 17 -3.17 -5.66 -1.09
N THR A 18 -3.59 -4.43 -1.00
CA THR A 18 -3.22 -3.43 -2.03
C THR A 18 -1.73 -3.55 -2.38
N THR A 19 -0.93 -4.04 -1.48
CA THR A 19 0.52 -4.18 -1.76
C THR A 19 0.74 -5.14 -2.93
N GLY A 20 -0.20 -6.00 -3.20
CA GLY A 20 -0.05 -6.96 -4.32
C GLY A 20 0.01 -6.19 -5.65
N ALA A 21 -0.82 -5.19 -5.81
CA ALA A 21 -0.81 -4.41 -7.07
C ALA A 21 0.25 -3.31 -7.00
N SER A 22 0.47 -2.76 -5.85
CA SER A 22 1.50 -1.68 -5.72
C SER A 22 2.91 -2.25 -5.89
N LYS A 23 3.11 -3.46 -5.44
CA LYS A 23 4.46 -4.08 -5.57
C LYS A 23 4.48 -5.06 -6.75
N ASP A 1 9.06 7.32 -5.60
CA ASP A 1 8.86 5.99 -4.96
C ASP A 1 8.71 6.14 -3.45
N PHE A 2 9.66 6.78 -2.80
CA PHE A 2 9.56 6.96 -1.33
C PHE A 2 8.13 7.36 -0.94
N LEU A 3 7.57 8.31 -1.63
CA LEU A 3 6.18 8.73 -1.30
C LEU A 3 5.21 7.57 -1.56
N ASN A 4 5.57 6.69 -2.46
CA ASN A 4 4.70 5.53 -2.74
C ASN A 4 4.74 4.56 -1.57
N SER A 5 5.88 4.39 -0.97
CA SER A 5 5.99 3.46 0.19
C SER A 5 5.26 4.05 1.39
N ALA A 6 5.48 5.30 1.68
CA ALA A 6 4.78 5.94 2.83
C ALA A 6 3.28 5.70 2.71
N MET A 7 2.76 5.74 1.51
CA MET A 7 1.31 5.50 1.31
C MET A 7 0.99 4.03 1.53
N SER A 8 1.76 3.16 0.94
CA SER A 8 1.51 1.70 1.11
C SER A 8 1.17 1.40 2.57
N SER A 9 1.95 1.88 3.49
CA SER A 9 1.68 1.63 4.93
C SER A 9 0.23 2.01 5.26
N LEU A 10 -0.33 2.92 4.51
CA LEU A 10 -1.74 3.34 4.77
C LEU A 10 -2.70 2.48 3.94
N TYR A 11 -2.39 2.26 2.69
CA TYR A 11 -3.31 1.43 1.84
C TYR A 11 -3.19 -0.04 2.25
N SER A 12 -2.01 -0.54 2.36
CA SER A 12 -1.83 -1.97 2.75
C SER A 12 -2.14 -2.16 4.23
N GLY A 13 -2.39 -1.08 4.93
CA GLY A 13 -2.69 -1.20 6.38
C GLY A 13 -4.17 -1.57 6.58
N TRP A 14 -5.03 -1.13 5.71
CA TRP A 14 -6.48 -1.46 5.86
C TRP A 14 -6.90 -2.55 4.87
N SER A 15 -6.28 -2.59 3.72
CA SER A 15 -6.66 -3.62 2.72
C SER A 15 -5.70 -4.81 2.79
N SER A 16 -4.47 -4.57 3.18
CA SER A 16 -3.50 -5.70 3.25
C SER A 16 -3.47 -6.42 1.90
N PHE A 17 -3.92 -5.76 0.86
CA PHE A 17 -3.93 -6.41 -0.49
C PHE A 17 -3.40 -5.44 -1.54
N THR A 18 -3.87 -4.22 -1.51
CA THR A 18 -3.41 -3.21 -2.51
C THR A 18 -1.89 -3.34 -2.74
N THR A 19 -1.15 -3.67 -1.73
CA THR A 19 0.33 -3.80 -1.89
C THR A 19 0.65 -4.67 -3.11
N GLY A 20 -0.06 -5.75 -3.28
CA GLY A 20 0.20 -6.64 -4.45
C GLY A 20 0.34 -5.79 -5.72
N ALA A 21 -0.54 -4.85 -5.91
CA ALA A 21 -0.47 -4.00 -7.12
C ALA A 21 0.68 -2.99 -7.00
N SER A 22 0.89 -2.45 -5.82
CA SER A 22 1.99 -1.47 -5.64
C SER A 22 3.35 -2.15 -5.84
N LYS A 23 3.45 -3.39 -5.49
CA LYS A 23 4.74 -4.11 -5.66
C LYS A 23 4.64 -5.13 -6.80
N ASP A 1 9.13 6.94 -6.05
CA ASP A 1 8.81 5.63 -5.41
C ASP A 1 8.68 5.79 -3.90
N PHE A 2 9.56 6.55 -3.29
CA PHE A 2 9.49 6.75 -1.81
C PHE A 2 8.06 7.09 -1.39
N LEU A 3 7.45 8.03 -2.07
CA LEU A 3 6.06 8.41 -1.70
C LEU A 3 5.14 7.18 -1.75
N ASN A 4 5.52 6.19 -2.50
CA ASN A 4 4.68 4.96 -2.59
C ASN A 4 4.71 4.22 -1.26
N SER A 5 5.82 4.23 -0.57
CA SER A 5 5.90 3.53 0.74
C SER A 5 5.07 4.27 1.78
N ALA A 6 5.24 5.57 1.88
CA ALA A 6 4.45 6.34 2.87
C ALA A 6 2.96 6.02 2.71
N MET A 7 2.54 5.77 1.49
CA MET A 7 1.11 5.44 1.26
C MET A 7 0.88 3.94 1.49
N SER A 8 1.74 3.13 0.94
CA SER A 8 1.58 1.66 1.12
C SER A 8 1.46 1.31 2.61
N SER A 9 2.04 2.11 3.46
CA SER A 9 1.96 1.84 4.91
C SER A 9 0.57 2.16 5.45
N LEU A 10 -0.19 2.94 4.73
CA LEU A 10 -1.57 3.28 5.18
C LEU A 10 -2.62 2.60 4.31
N TYR A 11 -2.37 2.54 3.02
CA TYR A 11 -3.36 1.89 2.12
C TYR A 11 -3.19 0.37 2.15
N SER A 12 -1.97 -0.10 2.20
CA SER A 12 -1.74 -1.56 2.23
C SER A 12 -2.02 -2.10 3.64
N GLY A 13 -2.25 -1.24 4.59
CA GLY A 13 -2.54 -1.69 5.97
C GLY A 13 -4.01 -2.08 6.09
N TRP A 14 -4.88 -1.37 5.43
CA TRP A 14 -6.33 -1.69 5.51
C TRP A 14 -6.71 -2.73 4.44
N SER A 15 -6.05 -2.71 3.32
CA SER A 15 -6.40 -3.70 2.26
C SER A 15 -5.27 -4.72 2.10
N SER A 16 -4.05 -4.36 2.39
CA SER A 16 -2.92 -5.32 2.23
C SER A 16 -3.03 -6.00 0.86
N PHE A 17 -3.69 -5.36 -0.07
CA PHE A 17 -3.84 -5.94 -1.42
C PHE A 17 -3.33 -4.97 -2.48
N THR A 18 -3.59 -3.70 -2.29
CA THR A 18 -3.13 -2.69 -3.28
C THR A 18 -1.64 -2.87 -3.58
N THR A 19 -0.92 -3.53 -2.72
CA THR A 19 0.54 -3.73 -2.96
C THR A 19 0.77 -4.65 -4.17
N GLY A 20 -0.22 -5.42 -4.53
CA GLY A 20 -0.06 -6.35 -5.68
C GLY A 20 0.21 -5.54 -6.96
N ALA A 21 -0.52 -4.48 -7.17
CA ALA A 21 -0.30 -3.66 -8.40
C ALA A 21 0.99 -2.85 -8.28
N SER A 22 1.31 -2.38 -7.10
CA SER A 22 2.55 -1.57 -6.94
C SER A 22 3.79 -2.46 -7.10
N LYS A 23 3.71 -3.68 -6.67
CA LYS A 23 4.88 -4.60 -6.80
C LYS A 23 4.62 -5.61 -7.91
N ASP A 1 9.85 8.40 -5.12
CA ASP A 1 9.30 7.03 -4.89
C ASP A 1 9.06 6.80 -3.40
N PHE A 2 9.86 7.41 -2.56
CA PHE A 2 9.67 7.23 -1.09
C PHE A 2 8.20 7.45 -0.71
N LEU A 3 7.62 8.53 -1.15
CA LEU A 3 6.19 8.78 -0.81
C LEU A 3 5.35 7.56 -1.19
N ASN A 4 5.72 6.90 -2.25
CA ASN A 4 4.95 5.69 -2.67
C ASN A 4 4.90 4.68 -1.52
N SER A 5 5.96 4.62 -0.75
CA SER A 5 5.97 3.66 0.39
C SER A 5 5.00 4.13 1.47
N ALA A 6 5.17 5.32 1.97
CA ALA A 6 4.23 5.83 3.00
C ALA A 6 2.79 5.51 2.59
N MET A 7 2.54 5.47 1.31
CA MET A 7 1.17 5.15 0.81
C MET A 7 0.89 3.66 0.99
N SER A 8 1.76 2.82 0.49
CA SER A 8 1.54 1.36 0.63
C SER A 8 1.25 1.01 2.09
N SER A 9 2.01 1.55 3.00
CA SER A 9 1.77 1.25 4.44
C SER A 9 0.44 1.85 4.87
N LEU A 10 -0.05 2.81 4.13
CA LEU A 10 -1.36 3.44 4.49
C LEU A 10 -2.51 2.63 3.89
N TYR A 11 -2.42 2.30 2.63
CA TYR A 11 -3.51 1.50 1.99
C TYR A 11 -3.47 0.07 2.48
N SER A 12 -2.30 -0.52 2.52
CA SER A 12 -2.19 -1.93 3.00
C SER A 12 -2.07 -1.95 4.53
N GLY A 13 -2.34 -0.85 5.17
CA GLY A 13 -2.25 -0.80 6.65
C GLY A 13 -3.65 -0.87 7.25
N TRP A 14 -4.62 -0.25 6.63
CA TRP A 14 -6.00 -0.28 7.18
C TRP A 14 -6.73 -1.56 6.76
N SER A 15 -6.57 -1.95 5.52
CA SER A 15 -7.25 -3.19 5.06
C SER A 15 -6.26 -4.35 4.96
N SER A 16 -5.05 -4.07 4.53
CA SER A 16 -4.07 -5.17 4.41
C SER A 16 -4.73 -6.36 3.69
N PHE A 17 -5.73 -6.08 2.91
CA PHE A 17 -6.44 -7.15 2.18
C PHE A 17 -6.58 -6.78 0.70
N THR A 18 -6.93 -5.56 0.43
CA THR A 18 -7.08 -5.13 -0.99
C THR A 18 -5.89 -5.61 -1.82
N THR A 19 -4.74 -5.73 -1.22
CA THR A 19 -3.54 -6.20 -1.97
C THR A 19 -3.93 -7.38 -2.87
N GLY A 20 -4.78 -8.25 -2.37
CA GLY A 20 -5.20 -9.42 -3.18
C GLY A 20 -5.90 -8.93 -4.45
N ALA A 21 -6.59 -7.83 -4.37
CA ALA A 21 -7.29 -7.29 -5.58
C ALA A 21 -6.26 -6.79 -6.59
N SER A 22 -5.20 -6.20 -6.13
CA SER A 22 -4.15 -5.70 -7.08
C SER A 22 -3.23 -6.84 -7.48
N LYS A 23 -3.11 -7.84 -6.66
CA LYS A 23 -2.22 -8.99 -7.01
C LYS A 23 -2.66 -9.60 -8.33
N ASP A 1 9.29 8.16 -5.60
CA ASP A 1 8.70 6.87 -5.16
C ASP A 1 8.60 6.82 -3.62
N PHE A 2 9.48 7.51 -2.95
CA PHE A 2 9.43 7.52 -1.46
C PHE A 2 8.00 7.74 -0.98
N LEU A 3 7.34 8.74 -1.50
CA LEU A 3 5.94 9.01 -1.07
C LEU A 3 5.06 7.79 -1.37
N ASN A 4 5.42 7.03 -2.37
CA ASN A 4 4.62 5.82 -2.71
C ASN A 4 4.78 4.77 -1.60
N SER A 5 5.96 4.66 -1.05
CA SER A 5 6.17 3.66 0.04
C SER A 5 5.42 4.10 1.29
N ALA A 6 5.56 5.35 1.68
CA ALA A 6 4.84 5.84 2.88
C ALA A 6 3.35 5.56 2.74
N MET A 7 2.86 5.57 1.52
CA MET A 7 1.42 5.30 1.29
C MET A 7 1.14 3.80 1.42
N SER A 8 1.97 2.98 0.82
CA SER A 8 1.76 1.51 0.91
C SER A 8 1.37 1.13 2.34
N SER A 9 2.15 1.53 3.30
CA SER A 9 1.82 1.19 4.72
C SER A 9 0.36 1.56 4.99
N LEU A 10 -0.15 2.56 4.32
CA LEU A 10 -1.56 2.97 4.53
C LEU A 10 -2.49 2.09 3.69
N TYR A 11 -2.31 2.08 2.39
CA TYR A 11 -3.17 1.24 1.53
C TYR A 11 -3.22 -0.19 2.06
N SER A 12 -2.17 -0.62 2.71
CA SER A 12 -2.15 -2.00 3.27
C SER A 12 -2.49 -1.97 4.76
N GLY A 13 -2.80 -0.81 5.28
CA GLY A 13 -3.14 -0.71 6.72
C GLY A 13 -4.63 -0.41 6.89
N TRP A 14 -5.21 0.34 5.99
CA TRP A 14 -6.65 0.67 6.12
C TRP A 14 -7.51 -0.50 5.62
N SER A 15 -7.03 -1.25 4.68
CA SER A 15 -7.81 -2.40 4.17
C SER A 15 -7.15 -3.71 4.59
N SER A 16 -5.86 -3.71 4.76
CA SER A 16 -5.17 -4.97 5.16
C SER A 16 -5.70 -6.12 4.32
N PHE A 17 -6.20 -5.83 3.15
CA PHE A 17 -6.76 -6.90 2.28
C PHE A 17 -6.21 -6.76 0.86
N THR A 18 -6.17 -5.56 0.35
CA THR A 18 -5.65 -5.35 -1.04
C THR A 18 -4.43 -6.22 -1.29
N THR A 19 -3.62 -6.43 -0.30
CA THR A 19 -2.40 -7.27 -0.49
C THR A 19 -2.78 -8.60 -1.15
N GLY A 20 -3.95 -9.09 -0.87
CA GLY A 20 -4.39 -10.37 -1.48
C GLY A 20 -4.67 -10.16 -2.97
N ALA A 21 -5.22 -9.03 -3.33
CA ALA A 21 -5.51 -8.77 -4.76
C ALA A 21 -4.24 -8.30 -5.48
N SER A 22 -3.48 -7.43 -4.88
CA SER A 22 -2.24 -6.94 -5.53
C SER A 22 -1.22 -8.08 -5.65
N LYS A 23 -1.26 -9.00 -4.73
CA LYS A 23 -0.29 -10.14 -4.78
C LYS A 23 -0.81 -11.22 -5.72
N ASP A 1 9.53 7.71 -5.30
CA ASP A 1 9.10 6.39 -4.77
C ASP A 1 8.85 6.48 -3.25
N PHE A 2 9.63 7.27 -2.57
CA PHE A 2 9.44 7.41 -1.10
C PHE A 2 7.96 7.62 -0.78
N LEU A 3 7.33 8.55 -1.44
CA LEU A 3 5.88 8.79 -1.17
C LEU A 3 5.09 7.53 -1.50
N ASN A 4 5.58 6.73 -2.40
CA ASN A 4 4.86 5.48 -2.76
C ASN A 4 4.92 4.51 -1.58
N SER A 5 6.01 4.50 -0.86
CA SER A 5 6.12 3.58 0.30
C SER A 5 5.25 4.09 1.45
N ALA A 6 5.38 5.35 1.79
CA ALA A 6 4.54 5.91 2.88
C ALA A 6 3.07 5.62 2.60
N MET A 7 2.72 5.46 1.36
CA MET A 7 1.31 5.16 1.00
C MET A 7 1.00 3.70 1.28
N SER A 8 1.85 2.82 0.84
CA SER A 8 1.61 1.36 1.08
C SER A 8 1.23 1.12 2.54
N SER A 9 1.96 1.68 3.47
CA SER A 9 1.63 1.48 4.91
C SER A 9 0.24 2.04 5.22
N LEU A 10 -0.20 3.01 4.48
CA LEU A 10 -1.54 3.60 4.74
C LEU A 10 -2.63 2.83 4.00
N TYR A 11 -2.37 2.44 2.78
CA TYR A 11 -3.40 1.68 2.01
C TYR A 11 -3.30 0.19 2.30
N SER A 12 -2.10 -0.33 2.36
CA SER A 12 -1.92 -1.78 2.63
C SER A 12 -2.01 -2.07 4.13
N GLY A 13 -2.45 -1.10 4.90
CA GLY A 13 -2.56 -1.31 6.37
C GLY A 13 -4.02 -1.50 6.77
N TRP A 14 -4.91 -0.73 6.20
CA TRP A 14 -6.35 -0.87 6.56
C TRP A 14 -6.97 -2.05 5.82
N SER A 15 -6.48 -2.36 4.66
CA SER A 15 -7.05 -3.50 3.89
C SER A 15 -6.08 -4.69 3.92
N SER A 16 -4.81 -4.43 4.01
CA SER A 16 -3.83 -5.55 4.04
C SER A 16 -4.09 -6.48 2.84
N PHE A 17 -4.74 -5.96 1.83
CA PHE A 17 -5.04 -6.79 0.64
C PHE A 17 -4.70 -6.02 -0.64
N THR A 18 -5.07 -4.77 -0.70
CA THR A 18 -4.77 -3.96 -1.92
C THR A 18 -3.33 -4.16 -2.37
N THR A 19 -2.44 -4.41 -1.45
CA THR A 19 -1.01 -4.61 -1.83
C THR A 19 -0.92 -5.49 -3.08
N GLY A 20 -1.87 -6.36 -3.27
CA GLY A 20 -1.85 -7.25 -4.46
C GLY A 20 -1.99 -6.42 -5.73
N ALA A 21 -2.71 -5.34 -5.67
CA ALA A 21 -2.89 -4.48 -6.88
C ALA A 21 -1.75 -3.45 -6.97
N SER A 22 -1.30 -2.96 -5.85
CA SER A 22 -0.20 -1.96 -5.88
C SER A 22 1.12 -2.62 -6.29
N LYS A 23 1.28 -3.87 -5.98
CA LYS A 23 2.54 -4.58 -6.35
C LYS A 23 2.29 -5.51 -7.54
N ASP A 1 9.59 8.47 -5.05
CA ASP A 1 9.65 7.01 -4.73
C ASP A 1 9.23 6.77 -3.28
N PHE A 2 10.04 7.16 -2.34
CA PHE A 2 9.67 6.95 -0.91
C PHE A 2 8.21 7.29 -0.68
N LEU A 3 7.74 8.36 -1.27
CA LEU A 3 6.31 8.74 -1.09
C LEU A 3 5.41 7.55 -1.42
N ASN A 4 5.76 6.78 -2.41
CA ASN A 4 4.92 5.61 -2.77
C ASN A 4 4.87 4.63 -1.60
N SER A 5 5.96 4.43 -0.92
CA SER A 5 5.96 3.49 0.23
C SER A 5 5.15 4.09 1.38
N ALA A 6 5.40 5.33 1.71
CA ALA A 6 4.63 5.97 2.81
C ALA A 6 3.13 5.76 2.59
N MET A 7 2.71 5.71 1.35
CA MET A 7 1.26 5.49 1.07
C MET A 7 0.90 4.02 1.24
N SER A 8 1.68 3.13 0.69
CA SER A 8 1.38 1.67 0.83
C SER A 8 1.10 1.35 2.30
N SER A 9 1.90 1.85 3.19
CA SER A 9 1.68 1.56 4.64
C SER A 9 0.25 1.92 5.04
N LEU A 10 -0.29 2.95 4.44
CA LEU A 10 -1.69 3.36 4.78
C LEU A 10 -2.70 2.46 4.05
N TYR A 11 -2.50 2.23 2.78
CA TYR A 11 -3.44 1.36 2.02
C TYR A 11 -3.29 -0.10 2.44
N SER A 12 -2.08 -0.58 2.51
CA SER A 12 -1.85 -2.00 2.92
C SER A 12 -2.07 -2.15 4.42
N GLY A 13 -2.41 -1.09 5.09
CA GLY A 13 -2.62 -1.17 6.56
C GLY A 13 -4.08 -1.56 6.86
N TRP A 14 -5.02 -0.89 6.26
CA TRP A 14 -6.45 -1.22 6.53
C TRP A 14 -6.85 -2.49 5.77
N SER A 15 -6.36 -2.66 4.57
CA SER A 15 -6.73 -3.88 3.80
C SER A 15 -5.52 -4.78 3.60
N SER A 16 -4.34 -4.22 3.57
CA SER A 16 -3.13 -5.07 3.36
C SER A 16 -3.40 -6.01 2.19
N PHE A 17 -4.27 -5.60 1.30
CA PHE A 17 -4.62 -6.45 0.13
C PHE A 17 -4.59 -5.60 -1.15
N THR A 18 -5.05 -4.38 -1.06
CA THR A 18 -5.07 -3.50 -2.26
C THR A 18 -3.68 -3.43 -2.90
N THR A 19 -2.66 -3.49 -2.09
CA THR A 19 -1.27 -3.43 -2.66
C THR A 19 -1.10 -4.48 -3.76
N GLY A 20 -1.65 -5.64 -3.57
CA GLY A 20 -1.53 -6.70 -4.60
C GLY A 20 -2.11 -6.22 -5.93
N ALA A 21 -3.04 -5.30 -5.88
CA ALA A 21 -3.64 -4.79 -7.14
C ALA A 21 -3.03 -3.43 -7.50
N SER A 22 -2.86 -2.57 -6.53
CA SER A 22 -2.26 -1.24 -6.82
C SER A 22 -0.75 -1.37 -6.98
N LYS A 23 -0.15 -2.32 -6.31
CA LYS A 23 1.31 -2.52 -6.41
C LYS A 23 2.04 -1.17 -6.50
N ASP A 1 9.67 7.62 -4.90
CA ASP A 1 9.60 6.23 -4.37
C ASP A 1 9.16 6.25 -2.89
N PHE A 2 9.85 7.01 -2.08
CA PHE A 2 9.47 7.07 -0.64
C PHE A 2 7.97 7.32 -0.50
N LEU A 3 7.43 8.22 -1.27
CA LEU A 3 5.97 8.50 -1.18
C LEU A 3 5.18 7.22 -1.43
N ASN A 4 5.71 6.34 -2.25
CA ASN A 4 4.99 5.07 -2.53
C ASN A 4 4.87 4.25 -1.24
N SER A 5 5.90 4.24 -0.44
CA SER A 5 5.85 3.46 0.83
C SER A 5 4.85 4.11 1.79
N ALA A 6 4.98 5.39 2.02
CA ALA A 6 4.03 6.07 2.95
C ALA A 6 2.60 5.79 2.50
N MET A 7 2.42 5.47 1.24
CA MET A 7 1.06 5.17 0.73
C MET A 7 0.72 3.69 0.97
N SER A 8 1.61 2.81 0.62
CA SER A 8 1.35 1.35 0.84
C SER A 8 1.23 1.07 2.33
N SER A 9 1.88 1.84 3.15
CA SER A 9 1.80 1.63 4.62
C SER A 9 0.47 2.16 5.16
N LEU A 10 -0.11 3.12 4.49
CA LEU A 10 -1.40 3.69 4.97
C LEU A 10 -2.57 3.01 4.25
N TYR A 11 -2.38 2.63 3.01
CA TYR A 11 -3.48 1.97 2.25
C TYR A 11 -3.34 0.45 2.34
N SER A 12 -2.15 -0.05 2.20
CA SER A 12 -1.94 -1.52 2.27
C SER A 12 -1.67 -1.94 3.72
N GLY A 13 -1.97 -1.08 4.65
CA GLY A 13 -1.73 -1.42 6.08
C GLY A 13 -3.06 -1.57 6.81
N TRP A 14 -4.10 -0.92 6.33
CA TRP A 14 -5.42 -1.04 7.00
C TRP A 14 -6.23 -2.19 6.40
N SER A 15 -6.16 -2.35 5.12
CA SER A 15 -6.93 -3.46 4.48
C SER A 15 -5.99 -4.58 4.05
N SER A 16 -4.77 -4.26 3.71
CA SER A 16 -3.83 -5.33 3.27
C SER A 16 -4.52 -6.21 2.23
N PHE A 17 -5.50 -5.65 1.55
CA PHE A 17 -6.22 -6.43 0.53
C PHE A 17 -6.26 -5.65 -0.80
N THR A 18 -6.60 -4.39 -0.74
CA THR A 18 -6.65 -3.57 -1.98
C THR A 18 -5.38 -3.78 -2.80
N THR A 19 -4.25 -3.87 -2.15
CA THR A 19 -2.98 -4.07 -2.89
C THR A 19 -3.14 -5.16 -3.95
N GLY A 20 -3.91 -6.17 -3.66
CA GLY A 20 -4.11 -7.27 -4.64
C GLY A 20 -4.98 -6.77 -5.80
N ALA A 21 -5.72 -5.72 -5.59
CA ALA A 21 -6.58 -5.18 -6.69
C ALA A 21 -5.96 -3.90 -7.27
N SER A 22 -5.35 -3.10 -6.45
CA SER A 22 -4.73 -1.85 -6.96
C SER A 22 -3.36 -2.14 -7.58
N LYS A 23 -2.70 -3.16 -7.11
CA LYS A 23 -1.37 -3.51 -7.67
C LYS A 23 -1.34 -4.98 -8.10
N ASP A 1 8.80 8.67 -5.65
CA ASP A 1 8.81 7.21 -5.34
C ASP A 1 8.73 7.00 -3.83
N PHE A 2 9.64 7.58 -3.08
CA PHE A 2 9.60 7.41 -1.60
C PHE A 2 8.17 7.59 -1.09
N LEU A 3 7.48 8.60 -1.54
CA LEU A 3 6.09 8.81 -1.08
C LEU A 3 5.25 7.58 -1.40
N ASN A 4 5.60 6.86 -2.43
CA ASN A 4 4.84 5.64 -2.79
C ASN A 4 4.89 4.64 -1.64
N SER A 5 6.04 4.51 -1.02
CA SER A 5 6.16 3.54 0.13
C SER A 5 5.36 4.06 1.32
N ALA A 6 5.57 5.29 1.70
CA ALA A 6 4.80 5.85 2.85
C ALA A 6 3.30 5.62 2.62
N MET A 7 2.91 5.52 1.39
CA MET A 7 1.45 5.30 1.09
C MET A 7 1.09 3.83 1.31
N SER A 8 1.87 2.94 0.79
CA SER A 8 1.57 1.48 0.98
C SER A 8 1.30 1.17 2.45
N SER A 9 1.81 1.98 3.34
CA SER A 9 1.59 1.73 4.79
C SER A 9 0.15 2.09 5.19
N LEU A 10 -0.46 3.01 4.48
CA LEU A 10 -1.85 3.40 4.81
C LEU A 10 -2.86 2.55 4.03
N TYR A 11 -2.57 2.28 2.78
CA TYR A 11 -3.49 1.47 1.95
C TYR A 11 -3.34 -0.02 2.29
N SER A 12 -2.14 -0.47 2.49
CA SER A 12 -1.91 -1.91 2.81
C SER A 12 -2.02 -2.14 4.32
N GLY A 13 -2.56 -1.20 5.04
CA GLY A 13 -2.68 -1.37 6.51
C GLY A 13 -4.16 -1.48 6.90
N TRP A 14 -5.01 -0.72 6.27
CA TRP A 14 -6.46 -0.77 6.61
C TRP A 14 -7.11 -2.02 6.02
N SER A 15 -6.71 -2.40 4.84
CA SER A 15 -7.32 -3.60 4.21
C SER A 15 -6.26 -4.66 3.95
N SER A 16 -5.09 -4.27 3.52
CA SER A 16 -4.04 -5.29 3.23
C SER A 16 -4.66 -6.40 2.38
N PHE A 17 -5.71 -6.08 1.67
CA PHE A 17 -6.39 -7.08 0.81
C PHE A 17 -6.37 -6.62 -0.65
N THR A 18 -6.71 -5.38 -0.88
CA THR A 18 -6.73 -4.87 -2.27
C THR A 18 -5.51 -5.40 -3.06
N THR A 19 -4.41 -5.57 -2.39
CA THR A 19 -3.20 -6.09 -3.10
C THR A 19 -3.44 -7.52 -3.58
N GLY A 20 -4.23 -8.27 -2.87
CA GLY A 20 -4.51 -9.67 -3.29
C GLY A 20 -5.31 -9.66 -4.59
N ALA A 21 -6.26 -8.77 -4.70
CA ALA A 21 -7.09 -8.71 -5.94
C ALA A 21 -6.28 -8.10 -7.09
N SER A 22 -5.59 -7.02 -6.83
CA SER A 22 -4.77 -6.38 -7.90
C SER A 22 -3.44 -7.13 -8.06
N LYS A 23 -2.98 -7.78 -7.02
CA LYS A 23 -1.69 -8.52 -7.11
C LYS A 23 -0.63 -7.64 -7.78
N ASP A 1 9.05 7.62 -6.22
CA ASP A 1 8.38 6.40 -5.67
C ASP A 1 8.41 6.43 -4.14
N PHE A 2 9.29 7.19 -3.56
CA PHE A 2 9.37 7.26 -2.08
C PHE A 2 7.99 7.56 -1.49
N LEU A 3 7.29 8.50 -2.05
CA LEU A 3 5.94 8.84 -1.52
C LEU A 3 5.02 7.61 -1.62
N ASN A 4 5.26 6.75 -2.58
CA ASN A 4 4.42 5.54 -2.73
C ASN A 4 4.68 4.59 -1.57
N SER A 5 5.85 4.63 -1.00
CA SER A 5 6.17 3.72 0.14
C SER A 5 5.49 4.22 1.41
N ALA A 6 5.62 5.48 1.73
CA ALA A 6 4.97 6.01 2.95
C ALA A 6 3.46 5.72 2.90
N MET A 7 2.91 5.70 1.72
CA MET A 7 1.45 5.42 1.58
C MET A 7 1.21 3.91 1.68
N SER A 8 2.05 3.13 1.06
CA SER A 8 1.88 1.65 1.09
C SER A 8 1.47 1.22 2.50
N SER A 9 2.12 1.74 3.51
CA SER A 9 1.74 1.35 4.90
C SER A 9 0.26 1.62 5.14
N LEU A 10 -0.24 2.69 4.58
CA LEU A 10 -1.68 3.01 4.76
C LEU A 10 -2.52 2.17 3.80
N TYR A 11 -2.22 2.22 2.53
CA TYR A 11 -3.01 1.43 1.55
C TYR A 11 -3.04 -0.04 1.96
N SER A 12 -1.99 -0.52 2.58
CA SER A 12 -1.96 -1.95 2.99
C SER A 12 -2.46 -2.10 4.42
N GLY A 13 -2.85 -1.02 5.05
CA GLY A 13 -3.34 -1.13 6.46
C GLY A 13 -4.86 -0.96 6.50
N TRP A 14 -5.49 -0.65 5.40
CA TRP A 14 -6.96 -0.47 5.41
C TRP A 14 -7.65 -1.63 4.69
N SER A 15 -7.09 -2.10 3.61
CA SER A 15 -7.73 -3.21 2.87
C SER A 15 -6.93 -4.52 3.04
N SER A 16 -5.65 -4.42 3.19
CA SER A 16 -4.85 -5.67 3.33
C SER A 16 -5.28 -6.68 2.27
N PHE A 17 -5.82 -6.19 1.19
CA PHE A 17 -6.28 -7.09 0.10
C PHE A 17 -5.64 -6.69 -1.23
N THR A 18 -5.60 -5.41 -1.50
CA THR A 18 -4.99 -4.94 -2.78
C THR A 18 -3.70 -5.71 -3.06
N THR A 19 -2.92 -5.98 -2.06
CA THR A 19 -1.65 -6.74 -2.28
C THR A 19 -1.94 -8.01 -3.08
N GLY A 20 -2.99 -8.70 -2.76
CA GLY A 20 -3.32 -9.94 -3.49
C GLY A 20 -3.63 -9.60 -4.95
N ALA A 21 -4.30 -8.51 -5.19
CA ALA A 21 -4.64 -8.13 -6.58
C ALA A 21 -3.51 -7.28 -7.19
N SER A 22 -2.59 -6.85 -6.37
CA SER A 22 -1.46 -6.02 -6.90
C SER A 22 -0.22 -6.88 -7.11
N LYS A 23 -0.07 -7.94 -6.36
CA LYS A 23 1.12 -8.81 -6.52
C LYS A 23 1.02 -10.02 -5.58
N ASP A 1 8.36 9.01 -6.04
CA ASP A 1 8.33 7.54 -5.84
C ASP A 1 8.36 7.21 -4.34
N PHE A 2 9.12 7.95 -3.57
CA PHE A 2 9.20 7.67 -2.11
C PHE A 2 7.80 7.77 -1.48
N LEU A 3 7.03 8.75 -1.86
CA LEU A 3 5.67 8.89 -1.28
C LEU A 3 4.90 7.57 -1.42
N ASN A 4 5.23 6.79 -2.41
CA ASN A 4 4.52 5.49 -2.60
C ASN A 4 4.77 4.57 -1.40
N SER A 5 5.98 4.53 -0.92
CA SER A 5 6.28 3.65 0.25
C SER A 5 5.50 4.14 1.48
N ALA A 6 5.57 5.40 1.78
CA ALA A 6 4.81 5.92 2.96
C ALA A 6 3.33 5.62 2.79
N MET A 7 2.86 5.54 1.58
CA MET A 7 1.42 5.23 1.33
C MET A 7 1.20 3.72 1.43
N SER A 8 2.12 2.94 0.93
CA SER A 8 1.96 1.46 0.98
C SER A 8 1.46 1.05 2.37
N SER A 9 2.07 1.54 3.41
CA SER A 9 1.62 1.19 4.78
C SER A 9 0.24 1.80 5.05
N LEU A 10 -0.11 2.83 4.32
CA LEU A 10 -1.43 3.48 4.52
C LEU A 10 -2.51 2.73 3.73
N TYR A 11 -2.20 2.32 2.53
CA TYR A 11 -3.21 1.59 1.71
C TYR A 11 -3.16 0.09 2.02
N SER A 12 -2.10 -0.37 2.62
CA SER A 12 -2.00 -1.82 2.96
C SER A 12 -2.37 -2.06 4.42
N GLY A 13 -2.71 -1.01 5.13
CA GLY A 13 -3.08 -1.18 6.56
C GLY A 13 -4.60 -1.22 6.71
N TRP A 14 -5.31 -0.46 5.92
CA TRP A 14 -6.79 -0.46 6.04
C TRP A 14 -7.40 -1.66 5.31
N SER A 15 -6.92 -1.96 4.15
CA SER A 15 -7.48 -3.12 3.41
C SER A 15 -6.50 -4.30 3.43
N SER A 16 -5.23 -4.03 3.33
CA SER A 16 -4.25 -5.16 3.34
C SER A 16 -4.74 -6.24 2.38
N PHE A 17 -5.52 -5.86 1.40
CA PHE A 17 -6.05 -6.85 0.44
C PHE A 17 -5.75 -6.43 -1.00
N THR A 18 -6.03 -5.19 -1.33
CA THR A 18 -5.77 -4.71 -2.72
C THR A 18 -4.47 -5.30 -3.28
N THR A 19 -3.50 -5.52 -2.43
CA THR A 19 -2.21 -6.09 -2.90
C THR A 19 -2.28 -7.62 -2.96
N GLY A 20 -3.11 -8.21 -2.14
CA GLY A 20 -3.22 -9.69 -2.12
C GLY A 20 -3.40 -10.23 -3.54
N ALA A 21 -4.32 -9.68 -4.28
CA ALA A 21 -4.55 -10.18 -5.68
C ALA A 21 -3.62 -9.45 -6.66
N SER A 22 -3.11 -8.31 -6.29
CA SER A 22 -2.21 -7.56 -7.23
C SER A 22 -0.78 -8.10 -7.14
N LYS A 23 -0.42 -8.72 -6.04
CA LYS A 23 0.96 -9.26 -5.91
C LYS A 23 1.13 -10.49 -6.80
N ASP A 1 9.96 7.34 -5.41
CA ASP A 1 9.21 6.10 -5.04
C ASP A 1 8.96 6.07 -3.52
N PHE A 2 9.81 6.71 -2.77
CA PHE A 2 9.62 6.72 -1.28
C PHE A 2 8.17 7.09 -0.95
N LEU A 3 7.69 8.17 -1.47
CA LEU A 3 6.29 8.59 -1.19
C LEU A 3 5.33 7.42 -1.45
N ASN A 4 5.73 6.51 -2.29
CA ASN A 4 4.85 5.34 -2.58
C ASN A 4 4.78 4.43 -1.35
N SER A 5 5.89 4.15 -0.74
CA SER A 5 5.88 3.27 0.47
C SER A 5 5.17 3.98 1.61
N ALA A 6 5.39 5.26 1.76
CA ALA A 6 4.70 6.01 2.86
C ALA A 6 3.18 5.87 2.69
N MET A 7 2.72 5.75 1.47
CA MET A 7 1.27 5.61 1.23
C MET A 7 0.86 4.14 1.32
N SER A 8 1.62 3.27 0.70
CA SER A 8 1.29 1.82 0.76
C SER A 8 1.05 1.40 2.21
N SER A 9 1.74 2.01 3.14
CA SER A 9 1.53 1.65 4.57
C SER A 9 0.11 2.02 5.00
N LEU A 10 -0.46 3.00 4.36
CA LEU A 10 -1.85 3.41 4.73
C LEU A 10 -2.86 2.46 4.09
N TYR A 11 -2.80 2.32 2.79
CA TYR A 11 -3.77 1.41 2.11
C TYR A 11 -3.40 -0.05 2.40
N SER A 12 -2.14 -0.37 2.34
CA SER A 12 -1.71 -1.77 2.61
C SER A 12 -1.61 -2.01 4.12
N GLY A 13 -2.06 -1.07 4.90
CA GLY A 13 -1.98 -1.23 6.38
C GLY A 13 -3.35 -1.68 6.92
N TRP A 14 -4.41 -1.29 6.29
CA TRP A 14 -5.76 -1.70 6.78
C TRP A 14 -6.37 -2.75 5.86
N SER A 15 -6.00 -2.77 4.62
CA SER A 15 -6.57 -3.79 3.69
C SER A 15 -5.55 -4.89 3.42
N SER A 16 -4.29 -4.61 3.58
CA SER A 16 -3.26 -5.66 3.31
C SER A 16 -3.57 -6.32 1.96
N PHE A 17 -4.25 -5.62 1.10
CA PHE A 17 -4.60 -6.19 -0.23
C PHE A 17 -4.30 -5.18 -1.33
N THR A 18 -4.62 -3.93 -1.08
CA THR A 18 -4.37 -2.87 -2.10
C THR A 18 -3.06 -3.11 -2.84
N THR A 19 -2.03 -3.50 -2.13
CA THR A 19 -0.71 -3.74 -2.80
C THR A 19 -0.89 -4.69 -3.99
N GLY A 20 -1.93 -5.47 -3.99
CA GLY A 20 -2.17 -6.42 -5.10
C GLY A 20 -2.48 -5.64 -6.39
N ALA A 21 -3.30 -4.63 -6.30
CA ALA A 21 -3.65 -3.83 -7.50
C ALA A 21 -2.42 -3.07 -8.00
N SER A 22 -1.59 -2.61 -7.11
CA SER A 22 -0.38 -1.86 -7.53
C SER A 22 0.77 -2.82 -7.84
N LYS A 23 0.74 -3.99 -7.27
CA LYS A 23 1.83 -4.97 -7.52
C LYS A 23 1.29 -6.40 -7.47
N ASP A 1 10.21 7.17 -4.13
CA ASP A 1 9.99 5.83 -3.50
C ASP A 1 9.29 5.99 -2.16
N PHE A 2 9.87 6.72 -1.25
CA PHE A 2 9.23 6.92 0.09
C PHE A 2 7.73 7.18 -0.08
N LEU A 3 7.36 8.01 -1.01
CA LEU A 3 5.92 8.31 -1.23
C LEU A 3 5.15 7.01 -1.47
N ASN A 4 5.74 6.09 -2.19
CA ASN A 4 5.04 4.79 -2.46
C ASN A 4 4.86 4.03 -1.15
N SER A 5 5.86 4.01 -0.33
CA SER A 5 5.74 3.28 0.97
C SER A 5 4.86 4.06 1.93
N ALA A 6 5.01 5.36 1.97
CA ALA A 6 4.17 6.19 2.88
C ALA A 6 2.70 5.99 2.51
N MET A 7 2.44 5.61 1.29
CA MET A 7 1.04 5.39 0.86
C MET A 7 0.63 3.94 1.09
N SER A 8 1.44 3.02 0.66
CA SER A 8 1.10 1.57 0.89
C SER A 8 0.96 1.32 2.39
N SER A 9 1.85 1.85 3.17
CA SER A 9 1.75 1.66 4.64
C SER A 9 0.41 2.17 5.14
N LEU A 10 -0.19 3.07 4.41
CA LEU A 10 -1.50 3.62 4.84
C LEU A 10 -2.65 2.77 4.29
N TYR A 11 -2.74 2.66 2.99
CA TYR A 11 -3.85 1.85 2.39
C TYR A 11 -3.48 0.37 2.42
N SER A 12 -2.27 0.05 2.07
CA SER A 12 -1.83 -1.37 2.08
C SER A 12 -1.33 -1.74 3.48
N GLY A 13 -1.61 -0.92 4.45
CA GLY A 13 -1.17 -1.21 5.84
C GLY A 13 -2.35 -1.68 6.68
N TRP A 14 -3.46 -1.00 6.61
CA TRP A 14 -4.64 -1.44 7.42
C TRP A 14 -5.29 -2.66 6.77
N SER A 15 -5.21 -2.76 5.47
CA SER A 15 -5.82 -3.93 4.79
C SER A 15 -4.73 -4.82 4.18
N SER A 16 -3.61 -4.24 3.87
CA SER A 16 -2.50 -5.05 3.26
C SER A 16 -3.09 -5.97 2.20
N PHE A 17 -4.19 -5.58 1.61
CA PHE A 17 -4.84 -6.43 0.58
C PHE A 17 -5.22 -5.58 -0.63
N THR A 18 -5.77 -4.42 -0.39
CA THR A 18 -6.17 -3.52 -1.52
C THR A 18 -5.11 -3.55 -2.62
N THR A 19 -3.86 -3.66 -2.25
CA THR A 19 -2.78 -3.70 -3.27
C THR A 19 -2.76 -5.07 -3.95
N GLY A 20 -3.07 -6.10 -3.22
CA GLY A 20 -3.08 -7.46 -3.81
C GLY A 20 -4.11 -7.53 -4.92
N ALA A 21 -5.16 -6.76 -4.82
CA ALA A 21 -6.21 -6.77 -5.87
C ALA A 21 -5.80 -5.88 -7.04
N SER A 22 -5.11 -4.80 -6.77
CA SER A 22 -4.68 -3.90 -7.86
C SER A 22 -3.49 -4.50 -8.61
N LYS A 23 -2.72 -5.33 -7.97
CA LYS A 23 -1.55 -5.94 -8.65
C LYS A 23 -1.97 -6.49 -10.02
N ASP A 1 8.48 8.05 -5.80
CA ASP A 1 8.61 6.65 -5.27
C ASP A 1 8.54 6.67 -3.73
N PHE A 2 9.37 7.46 -3.10
CA PHE A 2 9.35 7.51 -1.61
C PHE A 2 7.91 7.71 -1.12
N LEU A 3 7.16 8.57 -1.75
CA LEU A 3 5.75 8.79 -1.32
C LEU A 3 4.96 7.49 -1.52
N ASN A 4 5.42 6.65 -2.41
CA ASN A 4 4.70 5.37 -2.65
C ASN A 4 4.82 4.46 -1.42
N SER A 5 5.98 4.44 -0.80
CA SER A 5 6.14 3.58 0.41
C SER A 5 5.33 4.15 1.57
N ALA A 6 5.47 5.42 1.84
CA ALA A 6 4.70 6.03 2.97
C ALA A 6 3.21 5.79 2.74
N MET A 7 2.81 5.57 1.52
CA MET A 7 1.37 5.32 1.22
C MET A 7 1.05 3.83 1.42
N SER A 8 1.88 2.96 0.92
CA SER A 8 1.61 1.50 1.08
C SER A 8 1.30 1.19 2.55
N SER A 9 2.11 1.67 3.46
CA SER A 9 1.84 1.40 4.90
C SER A 9 0.40 1.79 5.23
N LEU A 10 -0.14 2.73 4.48
CA LEU A 10 -1.54 3.16 4.74
C LEU A 10 -2.52 2.31 3.91
N TYR A 11 -2.41 2.39 2.61
CA TYR A 11 -3.32 1.59 1.74
C TYR A 11 -3.35 0.13 2.17
N SER A 12 -2.22 -0.50 2.21
CA SER A 12 -2.16 -1.93 2.62
C SER A 12 -2.25 -2.05 4.14
N GLY A 13 -2.47 -0.95 4.82
CA GLY A 13 -2.56 -0.99 6.31
C GLY A 13 -4.02 -0.75 6.74
N TRP A 14 -4.78 -0.04 5.96
CA TRP A 14 -6.19 0.24 6.35
C TRP A 14 -7.14 -0.75 5.65
N SER A 15 -6.79 -1.19 4.47
CA SER A 15 -7.70 -2.12 3.75
C SER A 15 -6.92 -3.32 3.20
N SER A 16 -5.71 -3.11 2.77
CA SER A 16 -4.94 -4.26 2.19
C SER A 16 -5.84 -5.01 1.21
N PHE A 17 -6.78 -4.31 0.65
CA PHE A 17 -7.72 -4.95 -0.31
C PHE A 17 -7.76 -4.15 -1.62
N THR A 18 -7.74 -2.85 -1.53
CA THR A 18 -7.77 -2.01 -2.77
C THR A 18 -6.74 -2.52 -3.78
N THR A 19 -5.69 -3.13 -3.32
CA THR A 19 -4.65 -3.64 -4.27
C THR A 19 -5.22 -4.76 -5.14
N GLY A 20 -6.15 -5.51 -4.62
CA GLY A 20 -6.75 -6.61 -5.41
C GLY A 20 -7.46 -6.05 -6.64
N ALA A 21 -8.07 -4.91 -6.51
CA ALA A 21 -8.77 -4.30 -7.68
C ALA A 21 -7.76 -3.79 -8.71
N SER A 22 -6.66 -3.24 -8.26
CA SER A 22 -5.63 -2.73 -9.22
C SER A 22 -4.95 -3.90 -9.93
N LYS A 23 -4.82 -5.02 -9.26
CA LYS A 23 -4.16 -6.20 -9.89
C LYS A 23 -5.00 -6.70 -11.07
N ASP A 1 9.05 6.65 -5.36
CA ASP A 1 9.04 5.40 -4.54
C ASP A 1 8.85 5.74 -3.06
N PHE A 2 9.61 6.67 -2.54
CA PHE A 2 9.46 7.03 -1.11
C PHE A 2 8.00 7.37 -0.79
N LEU A 3 7.36 8.11 -1.65
CA LEU A 3 5.94 8.45 -1.39
C LEU A 3 5.08 7.20 -1.54
N ASN A 4 5.53 6.25 -2.31
CA ASN A 4 4.75 4.99 -2.48
C ASN A 4 4.79 4.19 -1.17
N SER A 5 5.88 4.24 -0.46
CA SER A 5 5.97 3.50 0.82
C SER A 5 5.04 4.13 1.85
N ALA A 6 5.12 5.42 2.04
CA ALA A 6 4.22 6.08 3.03
C ALA A 6 2.76 5.81 2.65
N MET A 7 2.51 5.54 1.39
CA MET A 7 1.13 5.26 0.94
C MET A 7 0.80 3.78 1.13
N SER A 8 1.72 2.92 0.81
CA SER A 8 1.46 1.45 0.99
C SER A 8 1.12 1.16 2.45
N SER A 9 1.88 1.70 3.37
CA SER A 9 1.58 1.45 4.80
C SER A 9 0.26 2.10 5.20
N LEU A 10 -0.16 3.11 4.48
CA LEU A 10 -1.44 3.79 4.81
C LEU A 10 -2.61 3.06 4.15
N TYR A 11 -2.47 2.65 2.92
CA TYR A 11 -3.59 1.94 2.24
C TYR A 11 -3.37 0.44 2.29
N SER A 12 -2.15 0.00 2.14
CA SER A 12 -1.87 -1.47 2.18
C SER A 12 -1.71 -1.93 3.63
N GLY A 13 -1.79 -1.03 4.58
CA GLY A 13 -1.64 -1.42 6.00
C GLY A 13 -3.00 -1.78 6.59
N TRP A 14 -4.04 -1.07 6.22
CA TRP A 14 -5.38 -1.39 6.76
C TRP A 14 -6.06 -2.50 5.96
N SER A 15 -5.74 -2.61 4.70
CA SER A 15 -6.37 -3.67 3.88
C SER A 15 -5.36 -4.78 3.61
N SER A 16 -4.09 -4.46 3.58
CA SER A 16 -3.07 -5.51 3.31
C SER A 16 -3.50 -6.32 2.09
N PHE A 17 -4.30 -5.74 1.24
CA PHE A 17 -4.76 -6.48 0.03
C PHE A 17 -4.67 -5.59 -1.21
N THR A 18 -5.05 -4.35 -1.08
CA THR A 18 -5.00 -3.42 -2.25
C THR A 18 -3.71 -3.65 -3.06
N THR A 19 -2.62 -3.91 -2.40
CA THR A 19 -1.33 -4.12 -3.12
C THR A 19 -1.48 -5.27 -4.14
N GLY A 20 -2.45 -6.11 -3.96
CA GLY A 20 -2.63 -7.24 -4.92
C GLY A 20 -2.71 -6.70 -6.34
N ALA A 21 -3.54 -5.73 -6.57
CA ALA A 21 -3.67 -5.15 -7.94
C ALA A 21 -2.48 -4.24 -8.25
N SER A 22 -2.20 -3.30 -7.38
CA SER A 22 -1.06 -2.38 -7.63
C SER A 22 0.25 -3.18 -7.71
N LYS A 23 0.29 -4.33 -7.10
CA LYS A 23 1.54 -5.15 -7.13
C LYS A 23 2.74 -4.29 -6.73
N ASP A 1 8.43 8.32 -5.72
CA ASP A 1 8.53 6.90 -5.27
C ASP A 1 8.43 6.83 -3.74
N PHE A 2 9.31 7.50 -3.05
CA PHE A 2 9.27 7.47 -1.56
C PHE A 2 7.83 7.66 -1.07
N LEU A 3 7.11 8.56 -1.67
CA LEU A 3 5.70 8.79 -1.25
C LEU A 3 4.90 7.50 -1.38
N ASN A 4 5.21 6.71 -2.37
CA ASN A 4 4.47 5.43 -2.56
C ASN A 4 4.70 4.50 -1.36
N SER A 5 5.89 4.51 -0.82
CA SER A 5 6.19 3.63 0.35
C SER A 5 5.45 4.15 1.57
N ALA A 6 5.58 5.41 1.88
CA ALA A 6 4.87 5.98 3.06
C ALA A 6 3.37 5.72 2.91
N MET A 7 2.91 5.62 1.68
CA MET A 7 1.46 5.36 1.45
C MET A 7 1.19 3.86 1.46
N SER A 8 2.04 3.10 0.80
CA SER A 8 1.83 1.63 0.76
C SER A 8 1.47 1.13 2.17
N SER A 9 2.08 1.67 3.17
CA SER A 9 1.76 1.23 4.56
C SER A 9 0.32 1.61 4.90
N LEU A 10 -0.17 2.66 4.31
CA LEU A 10 -1.57 3.10 4.58
C LEU A 10 -2.54 2.29 3.73
N TYR A 11 -2.32 2.22 2.44
CA TYR A 11 -3.25 1.42 1.58
C TYR A 11 -3.30 -0.02 2.07
N SER A 12 -2.18 -0.53 2.49
CA SER A 12 -2.15 -1.94 2.99
C SER A 12 -2.36 -1.95 4.50
N GLY A 13 -2.56 -0.80 5.09
CA GLY A 13 -2.77 -0.73 6.56
C GLY A 13 -4.27 -0.66 6.87
N TRP A 14 -5.02 0.06 6.07
CA TRP A 14 -6.49 0.15 6.32
C TRP A 14 -7.19 -1.11 5.85
N SER A 15 -6.79 -1.65 4.72
CA SER A 15 -7.44 -2.87 4.21
C SER A 15 -6.76 -4.11 4.80
N SER A 16 -5.48 -4.03 5.07
CA SER A 16 -4.77 -5.22 5.62
C SER A 16 -5.14 -6.45 4.80
N PHE A 17 -5.53 -6.25 3.58
CA PHE A 17 -5.91 -7.40 2.71
C PHE A 17 -5.40 -7.18 1.28
N THR A 18 -5.53 -5.99 0.78
CA THR A 18 -5.07 -5.68 -0.61
C THR A 18 -3.81 -6.49 -0.95
N THR A 19 -2.99 -6.76 0.03
CA THR A 19 -1.75 -7.55 -0.23
C THR A 19 -2.05 -8.71 -1.19
N GLY A 20 -3.02 -9.51 -0.85
CA GLY A 20 -3.37 -10.67 -1.72
C GLY A 20 -3.49 -10.20 -3.17
N ALA A 21 -3.75 -8.94 -3.37
CA ALA A 21 -3.88 -8.41 -4.76
C ALA A 21 -2.58 -7.75 -5.20
N SER A 22 -2.05 -6.87 -4.41
CA SER A 22 -0.78 -6.19 -4.79
C SER A 22 0.40 -7.16 -4.72
N LYS A 23 0.30 -8.15 -3.87
CA LYS A 23 1.41 -9.14 -3.75
C LYS A 23 1.21 -10.29 -4.75
N ASP A 1 9.73 7.32 -5.05
CA ASP A 1 9.48 5.98 -4.45
C ASP A 1 9.06 6.12 -2.99
N PHE A 2 9.83 6.81 -2.20
CA PHE A 2 9.46 6.98 -0.76
C PHE A 2 7.98 7.28 -0.63
N LEU A 3 7.47 8.19 -1.41
CA LEU A 3 6.02 8.53 -1.32
C LEU A 3 5.17 7.29 -1.56
N ASN A 4 5.67 6.36 -2.33
CA ASN A 4 4.88 5.12 -2.60
C ASN A 4 4.81 4.26 -1.34
N SER A 5 5.85 4.27 -0.55
CA SER A 5 5.84 3.47 0.70
C SER A 5 4.94 4.14 1.74
N ALA A 6 5.10 5.43 1.92
CA ALA A 6 4.25 6.15 2.91
C ALA A 6 2.77 5.85 2.62
N MET A 7 2.45 5.61 1.38
CA MET A 7 1.04 5.30 1.02
C MET A 7 0.76 3.81 1.25
N SER A 8 1.62 2.96 0.77
CA SER A 8 1.40 1.50 0.97
C SER A 8 1.18 1.19 2.45
N SER A 9 1.99 1.74 3.31
CA SER A 9 1.81 1.49 4.77
C SER A 9 0.43 1.97 5.21
N LEU A 10 -0.11 2.94 4.53
CA LEU A 10 -1.45 3.46 4.90
C LEU A 10 -2.54 2.69 4.14
N TYR A 11 -2.41 2.59 2.85
CA TYR A 11 -3.44 1.85 2.05
C TYR A 11 -3.28 0.35 2.26
N SER A 12 -2.09 -0.15 2.15
CA SER A 12 -1.87 -1.61 2.34
C SER A 12 -1.79 -1.93 3.84
N GLY A 13 -2.06 -0.96 4.68
CA GLY A 13 -1.99 -1.22 6.14
C GLY A 13 -3.39 -1.52 6.69
N TRP A 14 -4.41 -1.02 6.06
CA TRP A 14 -5.79 -1.28 6.56
C TRP A 14 -6.47 -2.36 5.72
N SER A 15 -6.10 -2.47 4.47
CA SER A 15 -6.73 -3.51 3.60
C SER A 15 -5.73 -4.63 3.33
N SER A 16 -4.46 -4.33 3.38
CA SER A 16 -3.44 -5.39 3.10
C SER A 16 -3.86 -6.17 1.86
N PHE A 17 -4.62 -5.56 1.00
CA PHE A 17 -5.07 -6.27 -0.23
C PHE A 17 -4.87 -5.38 -1.45
N THR A 18 -5.19 -4.12 -1.33
CA THR A 18 -5.02 -3.19 -2.48
C THR A 18 -3.68 -3.45 -3.17
N THR A 19 -2.68 -3.81 -2.43
CA THR A 19 -1.35 -4.08 -3.05
C THR A 19 -1.50 -5.09 -4.19
N GLY A 20 -2.50 -5.93 -4.13
CA GLY A 20 -2.71 -6.93 -5.20
C GLY A 20 -2.98 -6.21 -6.52
N ALA A 21 -3.77 -5.17 -6.49
CA ALA A 21 -4.08 -4.43 -7.75
C ALA A 21 -2.84 -3.68 -8.23
N SER A 22 -2.21 -2.92 -7.38
CA SER A 22 -1.00 -2.17 -7.79
C SER A 22 0.05 -3.13 -8.35
N LYS A 23 0.08 -4.33 -7.84
CA LYS A 23 1.08 -5.32 -8.34
C LYS A 23 0.74 -5.75 -9.77
N ASP A 1 10.85 4.86 -5.76
CA ASP A 1 9.57 4.64 -5.04
C ASP A 1 9.68 5.13 -3.60
N PHE A 2 9.12 6.26 -3.30
CA PHE A 2 9.19 6.79 -1.93
C PHE A 2 7.79 7.12 -1.43
N LEU A 3 7.12 8.02 -2.09
CA LEU A 3 5.75 8.37 -1.66
C LEU A 3 4.89 7.11 -1.66
N ASN A 4 5.28 6.14 -2.45
CA ASN A 4 4.51 4.87 -2.51
C ASN A 4 4.62 4.15 -1.16
N SER A 5 5.80 4.10 -0.60
CA SER A 5 5.96 3.42 0.71
C SER A 5 5.20 4.19 1.79
N ALA A 6 5.41 5.48 1.88
CA ALA A 6 4.69 6.28 2.90
C ALA A 6 3.19 6.06 2.76
N MET A 7 2.75 5.74 1.57
CA MET A 7 1.30 5.50 1.35
C MET A 7 0.98 4.02 1.57
N SER A 8 1.79 3.14 1.04
CA SER A 8 1.53 1.69 1.24
C SER A 8 1.30 1.40 2.72
N SER A 9 2.05 2.01 3.58
CA SER A 9 1.87 1.78 5.03
C SER A 9 0.44 2.18 5.46
N LEU A 10 -0.22 2.95 4.64
CA LEU A 10 -1.61 3.38 4.99
C LEU A 10 -2.62 2.60 4.15
N TYR A 11 -2.46 2.60 2.86
CA TYR A 11 -3.43 1.85 1.99
C TYR A 11 -3.18 0.35 2.10
N SER A 12 -1.94 -0.05 2.06
CA SER A 12 -1.63 -1.51 2.16
C SER A 12 -1.85 -2.00 3.59
N GLY A 13 -2.18 -1.10 4.48
CA GLY A 13 -2.41 -1.51 5.90
C GLY A 13 -3.84 -2.03 6.05
N TRP A 14 -4.79 -1.36 5.46
CA TRP A 14 -6.21 -1.83 5.59
C TRP A 14 -6.50 -2.93 4.57
N SER A 15 -5.83 -2.91 3.46
CA SER A 15 -6.08 -3.97 2.44
C SER A 15 -4.82 -4.80 2.20
N SER A 16 -3.66 -4.23 2.39
CA SER A 16 -2.42 -5.01 2.16
C SER A 16 -2.52 -5.73 0.82
N PHE A 17 -3.32 -5.20 -0.07
CA PHE A 17 -3.48 -5.84 -1.40
C PHE A 17 -3.23 -4.83 -2.52
N THR A 18 -3.78 -3.65 -2.38
CA THR A 18 -3.57 -2.61 -3.42
C THR A 18 -2.12 -2.59 -3.90
N THR A 19 -1.20 -2.93 -3.04
CA THR A 19 0.24 -2.93 -3.43
C THR A 19 0.55 -4.17 -4.29
N GLY A 20 -0.17 -5.23 -4.08
CA GLY A 20 0.09 -6.46 -4.88
C GLY A 20 -0.02 -6.14 -6.37
N ALA A 21 -0.94 -5.27 -6.73
CA ALA A 21 -1.10 -4.92 -8.17
C ALA A 21 0.02 -3.99 -8.62
N SER A 22 0.22 -2.90 -7.92
CA SER A 22 1.30 -1.94 -8.31
C SER A 22 2.65 -2.63 -8.28
N LYS A 23 2.86 -3.52 -7.34
CA LYS A 23 4.16 -4.23 -7.25
C LYS A 23 4.10 -5.57 -7.98
N ASP A 1 10.28 4.13 -5.54
CA ASP A 1 9.09 4.93 -5.16
C ASP A 1 9.08 5.20 -3.66
N PHE A 2 9.32 6.42 -3.28
CA PHE A 2 9.30 6.75 -1.84
C PHE A 2 7.87 7.03 -1.37
N LEU A 3 7.27 8.07 -1.86
CA LEU A 3 5.87 8.38 -1.44
C LEU A 3 5.01 7.14 -1.57
N ASN A 4 5.41 6.21 -2.40
CA ASN A 4 4.63 4.97 -2.57
C ASN A 4 4.66 4.16 -1.28
N SER A 5 5.79 4.10 -0.63
CA SER A 5 5.88 3.34 0.65
C SER A 5 5.06 4.05 1.73
N ALA A 6 5.31 5.33 1.93
CA ALA A 6 4.53 6.07 2.96
C ALA A 6 3.04 5.83 2.74
N MET A 7 2.64 5.66 1.51
CA MET A 7 1.20 5.41 1.22
C MET A 7 0.85 3.95 1.48
N SER A 8 1.66 3.05 0.98
CA SER A 8 1.38 1.60 1.20
C SER A 8 1.12 1.34 2.69
N SER A 9 1.89 1.96 3.55
CA SER A 9 1.67 1.75 5.01
C SER A 9 0.23 2.10 5.38
N LEU A 10 -0.34 3.07 4.72
CA LEU A 10 -1.74 3.47 5.02
C LEU A 10 -2.71 2.66 4.16
N TYR A 11 -2.51 2.65 2.87
CA TYR A 11 -3.42 1.87 1.98
C TYR A 11 -3.13 0.38 2.10
N SER A 12 -1.88 0.01 2.01
CA SER A 12 -1.52 -1.43 2.13
C SER A 12 -1.59 -1.86 3.60
N GLY A 13 -1.87 -0.94 4.49
CA GLY A 13 -1.96 -1.30 5.92
C GLY A 13 -3.33 -1.88 6.23
N TRP A 14 -4.37 -1.35 5.62
CA TRP A 14 -5.73 -1.88 5.88
C TRP A 14 -6.08 -2.98 4.87
N SER A 15 -5.55 -2.90 3.69
CA SER A 15 -5.85 -3.94 2.66
C SER A 15 -4.62 -4.82 2.43
N SER A 16 -3.45 -4.30 2.65
CA SER A 16 -2.23 -5.11 2.43
C SER A 16 -2.34 -5.80 1.07
N PHE A 17 -3.10 -5.23 0.17
CA PHE A 17 -3.28 -5.84 -1.17
C PHE A 17 -3.19 -4.76 -2.25
N THR A 18 -3.87 -3.67 -2.08
CA THR A 18 -3.82 -2.58 -3.10
C THR A 18 -2.38 -2.35 -3.57
N THR A 19 -1.45 -2.36 -2.66
CA THR A 19 -0.02 -2.15 -3.05
C THR A 19 0.40 -3.19 -4.09
N GLY A 20 -0.24 -4.33 -4.10
CA GLY A 20 0.13 -5.39 -5.07
C GLY A 20 0.29 -4.77 -6.46
N ALA A 21 -0.72 -4.08 -6.94
CA ALA A 21 -0.62 -3.45 -8.28
C ALA A 21 0.17 -2.14 -8.21
N SER A 22 0.00 -1.40 -7.15
CA SER A 22 0.75 -0.11 -7.01
C SER A 22 2.24 -0.34 -7.24
N LYS A 23 2.74 -1.49 -6.90
CA LYS A 23 4.19 -1.78 -7.10
C LYS A 23 4.39 -2.57 -8.38
#